data_6GY9
#
_entry.id   6GY9
#
_cell.length_a   66.280
_cell.length_b   80.370
_cell.length_c   71.510
_cell.angle_alpha   90.00
_cell.angle_beta   101.66
_cell.angle_gamma   90.00
#
_symmetry.space_group_name_H-M   'P 1 21 1'
#
loop_
_entity.id
_entity.type
_entity.pdbx_description
1 polymer 'Capsid protein'
2 non-polymer '2-(1H-1,2,3-triazol-1-yl)ethyl 6-deoxy-alpha-L-galactopyranoside'
3 non-polymer 1,2-ETHANEDIOL
4 water water
#
_entity_poly.entity_id   1
_entity_poly.type   'polypeptide(L)'
_entity_poly.pdbx_seq_one_letter_code
;KPFTLPILTLGELTNSRFPLPIDVLYTNPNESAIVQCQNGRCTLDGELQGTTQLLPTGICAFRGKVTQQVQDEHRGTHWN
MTVTNLNGTPFDPTEDVPAPLGTPDFSGQIYGVISQRNTNTVPGEGNLPANRAHEAVIATYSPKFTPKLGNIQFSTWETQ
DVSSGQPTKFTPVGLASVDANSHFDQWTLPSYSGALTLNMNLAPSVAPVFPGECLLFFRSFIPLKGGYGNPAIDCLMPQE
WVQHLYQESAPSLSDVALVRYVNPETGRTLFEAKLHRNGFLTVARNSAGPVVAPTNGYFRFDSWVNQFYTLAPM
;
_entity_poly.pdbx_strand_id   A,B
#
loop_
_chem_comp.id
_chem_comp.type
_chem_comp.name
_chem_comp.formula
EDO non-polymer 1,2-ETHANEDIOL 'C2 H6 O2'
KBA L-saccharide '2-(1H-1,2,3-triazol-1-yl)ethyl 6-deoxy-alpha-L-galactopyranoside' 'C10 H17 N3 O5'
#
# COMPACT_ATOMS: atom_id res chain seq x y z
N LYS A 1 5.32 -23.83 17.88
CA LYS A 1 5.11 -23.34 16.53
C LYS A 1 6.42 -22.85 15.91
N PRO A 2 6.87 -23.52 14.85
CA PRO A 2 8.18 -23.19 14.27
C PRO A 2 8.18 -21.79 13.67
N PHE A 3 9.33 -21.11 13.81
CA PHE A 3 9.50 -19.78 13.24
C PHE A 3 9.71 -19.86 11.73
N THR A 4 9.09 -18.94 11.01
CA THR A 4 9.22 -18.86 9.55
C THR A 4 9.22 -17.41 9.09
N LEU A 5 9.83 -17.20 7.92
CA LEU A 5 9.81 -15.97 7.15
C LEU A 5 9.10 -16.21 5.83
N PRO A 6 8.44 -15.22 5.26
CA PRO A 6 7.82 -15.42 3.95
C PRO A 6 8.88 -15.63 2.88
N ILE A 7 8.45 -16.18 1.75
CA ILE A 7 9.34 -16.46 0.62
C ILE A 7 9.05 -15.37 -0.42
N LEU A 8 9.79 -14.27 -0.32
CA LEU A 8 9.57 -13.11 -1.18
C LEU A 8 10.91 -12.50 -1.55
N THR A 9 11.10 -12.23 -2.84
CA THR A 9 12.29 -11.57 -3.32
C THR A 9 12.21 -10.07 -3.01
N LEU A 10 13.34 -9.38 -3.16
CA LEU A 10 13.34 -7.93 -2.96
C LEU A 10 12.30 -7.26 -3.86
N GLY A 11 12.14 -7.74 -5.09
CA GLY A 11 11.16 -7.20 -6.00
C GLY A 11 9.72 -7.53 -5.64
N GLU A 12 9.51 -8.25 -4.55
CA GLU A 12 8.18 -8.59 -4.05
C GLU A 12 7.94 -8.02 -2.65
N LEU A 13 8.74 -7.06 -2.23
CA LEU A 13 8.69 -6.48 -0.88
C LEU A 13 8.49 -4.97 -0.95
N THR A 14 7.88 -4.40 0.11
CA THR A 14 7.67 -2.96 0.19
C THR A 14 8.18 -2.42 1.53
N ASN A 15 8.49 -1.13 1.52
CA ASN A 15 9.03 -0.45 2.70
C ASN A 15 7.96 -0.29 3.78
N SER A 16 8.39 -0.38 5.04
CA SER A 16 7.50 -0.24 6.18
C SER A 16 7.48 1.18 6.74
N ARG A 17 8.34 2.07 6.26
CA ARG A 17 8.41 3.44 6.75
C ARG A 17 7.89 4.47 5.74
N PHE A 18 7.68 4.08 4.49
CA PHE A 18 7.05 4.93 3.47
C PHE A 18 6.48 4.02 2.38
N PRO A 19 5.38 4.40 1.74
CA PRO A 19 4.77 3.52 0.72
C PRO A 19 5.57 3.45 -0.56
N LEU A 20 6.61 2.61 -0.55
CA LEU A 20 7.55 2.48 -1.65
C LEU A 20 7.98 1.03 -1.76
N PRO A 21 8.32 0.56 -2.96
CA PRO A 21 8.94 -0.76 -3.08
C PRO A 21 10.36 -0.78 -2.56
N ILE A 22 10.84 -1.96 -2.15
CA ILE A 22 12.25 -2.09 -1.76
C ILE A 22 13.09 -2.10 -3.02
N ASP A 23 14.13 -1.26 -3.03
CA ASP A 23 15.04 -1.17 -4.17
C ASP A 23 16.32 -1.98 -4.00
N VAL A 24 16.95 -1.94 -2.81
CA VAL A 24 18.23 -2.63 -2.61
C VAL A 24 18.41 -2.88 -1.11
N LEU A 25 19.25 -3.87 -0.78
CA LEU A 25 19.76 -3.99 0.59
C LEU A 25 20.97 -3.08 0.77
N TYR A 26 21.21 -2.62 2.01
CA TYR A 26 22.16 -1.51 2.24
C TYR A 26 22.80 -1.57 3.62
N THR A 27 24.08 -1.17 3.72
CA THR A 27 24.76 -1.04 5.00
C THR A 27 25.40 0.34 5.13
N ASN A 28 25.63 0.76 6.38
CA ASN A 28 26.33 2.01 6.69
C ASN A 28 26.96 1.93 8.08
N PRO A 29 28.11 1.25 8.21
CA PRO A 29 28.68 0.99 9.55
C PRO A 29 29.06 2.23 10.34
N ASN A 30 29.45 3.34 9.70
CA ASN A 30 29.91 4.52 10.41
C ASN A 30 28.79 5.50 10.73
N GLU A 31 27.53 5.08 10.63
CA GLU A 31 26.43 5.94 11.04
C GLU A 31 26.61 6.42 12.47
N SER A 32 26.54 7.74 12.66
CA SER A 32 26.71 8.31 13.99
C SER A 32 25.40 8.51 14.74
N ALA A 33 24.27 8.58 14.05
CA ALA A 33 22.99 8.79 14.73
C ALA A 33 22.47 7.50 15.36
N ILE A 34 21.69 7.66 16.43
CA ILE A 34 20.99 6.54 17.04
C ILE A 34 19.82 6.11 16.16
N VAL A 35 19.74 4.82 15.86
CA VAL A 35 18.69 4.28 15.00
C VAL A 35 17.52 3.85 15.89
N GLN A 36 16.41 4.58 15.80
CA GLN A 36 15.25 4.33 16.65
C GLN A 36 13.95 4.68 15.92
N CYS A 37 13.81 4.19 14.69
CA CYS A 37 12.56 4.46 13.97
C CYS A 37 11.38 3.77 14.66
N GLN A 38 10.18 4.26 14.37
CA GLN A 38 8.94 3.85 15.05
C GLN A 38 7.94 3.15 14.13
N ASN A 39 8.08 3.27 12.82
CA ASN A 39 7.32 2.44 11.90
C ASN A 39 8.20 1.30 11.44
N GLY A 40 7.56 0.20 11.05
CA GLY A 40 8.26 -1.02 10.71
C GLY A 40 8.92 -1.71 11.89
N ARG A 41 8.26 -1.72 13.05
CA ARG A 41 8.82 -2.27 14.30
C ARG A 41 7.93 -3.40 14.79
N CYS A 42 8.50 -4.61 14.88
CA CYS A 42 7.75 -5.79 15.28
C CYS A 42 8.71 -6.83 15.83
N THR A 43 8.38 -7.40 17.00
CA THR A 43 9.21 -8.47 17.54
C THR A 43 9.02 -9.74 16.72
N LEU A 44 9.96 -10.68 16.89
CA LEU A 44 9.91 -11.92 16.13
C LEU A 44 8.73 -12.80 16.54
N ASP A 45 8.19 -12.63 17.75
CA ASP A 45 6.98 -13.35 18.12
C ASP A 45 5.70 -12.58 17.86
N GLY A 46 5.77 -11.44 17.15
CA GLY A 46 4.60 -10.82 16.57
C GLY A 46 4.01 -9.61 17.27
N GLU A 47 4.76 -8.94 18.14
CA GLU A 47 4.24 -7.78 18.88
C GLU A 47 4.60 -6.50 18.13
N LEU A 48 3.58 -5.81 17.59
CA LEU A 48 3.83 -4.52 16.97
C LEU A 48 4.29 -3.51 18.01
N GLN A 49 5.20 -2.61 17.60
CA GLN A 49 5.76 -1.63 18.53
C GLN A 49 5.78 -0.25 17.87
N GLY A 50 6.01 0.77 18.70
CA GLY A 50 6.09 2.13 18.16
C GLY A 50 4.74 2.60 17.63
N THR A 51 4.75 3.20 16.43
CA THR A 51 3.55 3.62 15.72
C THR A 51 3.14 2.64 14.61
N THR A 52 3.63 1.41 14.66
CA THR A 52 3.45 0.46 13.57
C THR A 52 2.04 -0.11 13.51
N GLN A 53 1.47 -0.14 12.30
CA GLN A 53 0.19 -0.79 12.06
C GLN A 53 0.29 -1.58 10.75
N LEU A 54 -0.74 -2.38 10.46
CA LEU A 54 -0.63 -3.40 9.41
C LEU A 54 -0.87 -2.91 7.98
N LEU A 55 -1.58 -1.81 7.78
CA LEU A 55 -2.02 -1.44 6.42
C LEU A 55 -0.89 -0.77 5.66
N PRO A 56 -0.54 -1.24 4.45
CA PRO A 56 0.43 -0.48 3.65
C PRO A 56 -0.09 0.92 3.29
N THR A 57 -1.41 1.08 3.22
CA THR A 57 -2.02 2.37 2.92
C THR A 57 -2.04 3.31 4.13
N GLY A 58 -1.67 2.83 5.32
CA GLY A 58 -1.66 3.67 6.51
C GLY A 58 -0.34 4.32 6.83
N ILE A 59 0.74 3.90 6.16
CA ILE A 59 2.07 4.38 6.51
C ILE A 59 2.21 5.84 6.08
N CYS A 60 2.47 6.72 7.04
CA CYS A 60 2.59 8.16 6.80
C CYS A 60 1.28 8.76 6.29
N ALA A 61 0.15 8.14 6.62
CA ALA A 61 -1.16 8.69 6.27
C ALA A 61 -1.83 9.29 7.50
N PHE A 62 -2.77 10.20 7.24
CA PHE A 62 -3.58 10.83 8.28
C PHE A 62 -5.04 10.86 7.82
N ARG A 63 -5.95 10.82 8.79
CA ARG A 63 -7.36 11.06 8.59
C ARG A 63 -7.84 12.00 9.69
N GLY A 64 -8.79 12.87 9.35
CA GLY A 64 -9.26 13.85 10.30
C GLY A 64 -10.17 14.87 9.64
N LYS A 65 -10.13 16.09 10.17
CA LYS A 65 -10.97 17.19 9.72
C LYS A 65 -10.21 18.50 9.80
N VAL A 66 -10.36 19.34 8.78
CA VAL A 66 -9.78 20.68 8.80
C VAL A 66 -10.64 21.55 9.70
N THR A 67 -10.00 22.36 10.56
CA THR A 67 -10.74 23.28 11.42
C THR A 67 -10.80 24.68 10.85
N GLN A 68 -9.67 25.24 10.40
CA GLN A 68 -9.64 26.58 9.83
C GLN A 68 -8.30 26.81 9.15
N GLN A 69 -8.24 27.91 8.40
CA GLN A 69 -6.99 28.38 7.82
C GLN A 69 -6.26 29.21 8.88
N VAL A 70 -4.93 29.10 8.93
CA VAL A 70 -4.15 29.73 10.00
C VAL A 70 -2.96 30.48 9.41
N GLN A 71 -2.31 31.27 10.26
CA GLN A 71 -1.13 32.04 9.88
C GLN A 71 0.15 31.25 10.18
N ASP A 72 1.11 31.34 9.26
CA ASP A 72 2.43 30.76 9.44
C ASP A 72 3.42 31.59 8.63
N GLU A 73 4.66 31.65 9.11
CA GLU A 73 5.66 32.52 8.47
C GLU A 73 6.15 31.95 7.14
N HIS A 74 6.12 30.62 6.98
CA HIS A 74 6.68 30.00 5.80
C HIS A 74 5.77 30.22 4.58
N ARG A 75 6.36 30.04 3.40
CA ARG A 75 5.66 30.29 2.14
C ARG A 75 4.54 29.28 1.95
N GLY A 76 3.35 29.78 1.64
CA GLY A 76 2.20 28.96 1.32
C GLY A 76 0.99 29.35 2.15
N THR A 77 -0.10 28.65 1.89
CA THR A 77 -1.34 28.77 2.66
C THR A 77 -1.40 27.62 3.66
N HIS A 78 -1.69 27.92 4.92
CA HIS A 78 -1.60 26.93 5.98
C HIS A 78 -2.96 26.63 6.60
N TRP A 79 -3.12 25.38 7.02
CA TRP A 79 -4.40 24.87 7.53
C TRP A 79 -4.18 23.97 8.74
N ASN A 80 -5.04 24.09 9.74
CA ASN A 80 -5.02 23.19 10.88
C ASN A 80 -6.04 22.06 10.68
N MET A 81 -5.62 20.84 11.00
CA MET A 81 -6.50 19.68 10.92
C MET A 81 -6.36 18.85 12.18
N THR A 82 -7.50 18.50 12.78
CA THR A 82 -7.52 17.50 13.83
C THR A 82 -7.38 16.13 13.19
N VAL A 83 -6.69 15.22 13.89
CA VAL A 83 -6.48 13.87 13.38
C VAL A 83 -7.15 12.87 14.31
N THR A 84 -7.68 11.81 13.72
CA THR A 84 -8.27 10.68 14.44
C THR A 84 -7.40 9.45 14.20
N ASN A 85 -7.82 8.31 14.73
CA ASN A 85 -7.16 7.08 14.32
C ASN A 85 -7.49 6.80 12.86
N LEU A 86 -6.65 6.00 12.20
CA LEU A 86 -6.85 5.72 10.78
C LEU A 86 -8.22 5.12 10.50
N ASN A 87 -8.79 4.38 11.45
CA ASN A 87 -10.12 3.79 11.25
C ASN A 87 -11.27 4.76 11.55
N GLY A 88 -11.00 6.02 11.88
CA GLY A 88 -12.04 6.99 12.11
C GLY A 88 -12.44 7.18 13.55
N THR A 89 -12.14 6.22 14.43
CA THR A 89 -12.44 6.39 15.85
C THR A 89 -11.57 7.50 16.42
N PRO A 90 -12.02 8.17 17.48
CA PRO A 90 -11.21 9.23 18.08
C PRO A 90 -9.89 8.68 18.61
N PHE A 91 -8.83 9.45 18.43
CA PHE A 91 -7.54 9.08 19.00
C PHE A 91 -7.57 9.41 20.49
N ASP A 92 -7.17 8.44 21.32
CA ASP A 92 -7.16 8.61 22.76
C ASP A 92 -5.73 8.91 23.21
N PRO A 93 -5.41 10.15 23.59
CA PRO A 93 -4.02 10.48 23.94
C PRO A 93 -3.46 9.69 25.12
N THR A 94 -4.32 9.06 25.92
CA THR A 94 -3.86 8.24 27.03
C THR A 94 -3.46 6.82 26.62
N GLU A 95 -3.63 6.44 25.35
CA GLU A 95 -3.15 5.14 24.89
C GLU A 95 -1.62 5.09 24.93
N ASP A 96 -1.08 3.90 25.19
CA ASP A 96 0.36 3.70 25.36
C ASP A 96 1.08 3.59 24.02
N VAL A 97 0.97 4.63 23.21
CA VAL A 97 1.64 4.71 21.93
C VAL A 97 2.30 6.08 21.81
N PRO A 98 3.32 6.21 20.96
CA PRO A 98 3.97 7.54 20.82
C PRO A 98 3.09 8.57 20.14
N ALA A 99 2.17 8.14 19.27
CA ALA A 99 1.35 8.98 18.41
C ALA A 99 0.32 8.07 17.73
N PRO A 100 -0.67 8.61 17.02
CA PRO A 100 -1.60 7.73 16.28
C PRO A 100 -0.82 6.82 15.33
N LEU A 101 -1.20 5.54 15.30
CA LEU A 101 -0.48 4.60 14.46
C LEU A 101 -0.50 5.05 13.00
N GLY A 102 0.66 4.95 12.34
CA GLY A 102 0.84 5.43 10.99
C GLY A 102 1.56 6.77 10.88
N THR A 103 1.60 7.54 11.96
CA THR A 103 2.28 8.83 11.98
C THR A 103 3.71 8.70 11.43
N PRO A 104 4.18 9.66 10.62
CA PRO A 104 5.59 9.64 10.16
C PRO A 104 6.57 9.64 11.33
N ASP A 105 7.70 8.96 11.11
CA ASP A 105 8.70 8.80 12.17
C ASP A 105 10.03 9.49 11.84
N PHE A 106 10.01 10.53 11.00
CA PHE A 106 11.25 11.23 10.68
C PHE A 106 11.00 12.71 10.43
N SER A 107 12.07 13.51 10.59
CA SER A 107 12.07 14.93 10.31
C SER A 107 12.13 15.19 8.81
N GLY A 108 11.21 16.00 8.30
CA GLY A 108 11.24 16.36 6.89
C GLY A 108 9.98 17.06 6.44
N GLN A 109 9.98 17.45 5.16
CA GLN A 109 8.83 18.09 4.53
C GLN A 109 8.16 17.02 3.68
N ILE A 110 7.12 16.41 4.23
CA ILE A 110 6.46 15.28 3.56
C ILE A 110 5.40 15.81 2.59
N TYR A 111 5.53 15.42 1.33
CA TYR A 111 4.70 15.89 0.21
C TYR A 111 3.66 14.86 -0.13
N GLY A 112 2.42 15.31 -0.33
CA GLY A 112 1.34 14.39 -0.68
C GLY A 112 0.13 15.15 -1.18
N VAL A 113 -1.05 14.52 -1.05
CA VAL A 113 -2.30 15.10 -1.51
C VAL A 113 -3.31 15.04 -0.36
N ILE A 114 -3.95 16.19 -0.09
CA ILE A 114 -5.08 16.29 0.83
C ILE A 114 -6.34 16.21 -0.01
N SER A 115 -7.28 15.32 0.38
CA SER A 115 -8.56 15.22 -0.30
C SER A 115 -9.70 15.28 0.73
N GLN A 116 -10.86 15.74 0.26
CA GLN A 116 -12.05 15.88 1.09
C GLN A 116 -13.30 15.37 0.38
N ARG A 117 -14.20 14.75 1.15
CA ARG A 117 -15.54 14.41 0.68
C ARG A 117 -16.53 14.91 1.73
N ASN A 118 -17.35 15.89 1.37
CA ASN A 118 -18.22 16.55 2.32
C ASN A 118 -19.21 15.57 2.95
N THR A 119 -19.58 15.85 4.22
CA THR A 119 -20.58 15.03 4.89
C THR A 119 -21.98 15.35 4.43
N ASN A 120 -22.26 16.61 4.10
CA ASN A 120 -23.57 17.02 3.64
C ASN A 120 -23.70 16.84 2.13
N THR A 121 -24.92 16.52 1.69
CA THR A 121 -25.18 16.30 0.28
C THR A 121 -26.06 17.40 -0.28
N VAL A 122 -26.03 17.53 -1.60
CA VAL A 122 -26.73 18.57 -2.35
C VAL A 122 -27.87 17.91 -3.12
N PRO A 123 -29.13 18.17 -2.78
CA PRO A 123 -30.24 17.56 -3.53
C PRO A 123 -30.23 17.91 -5.01
N GLY A 124 -29.75 19.12 -5.36
CA GLY A 124 -29.69 19.49 -6.77
C GLY A 124 -28.74 18.63 -7.58
N GLU A 125 -27.72 18.07 -6.93
CA GLU A 125 -26.74 17.19 -7.58
C GLU A 125 -27.01 15.73 -7.27
N GLY A 126 -28.28 15.35 -7.16
CA GLY A 126 -28.62 13.95 -6.94
C GLY A 126 -28.35 13.43 -5.55
N ASN A 127 -28.35 14.30 -4.54
CA ASN A 127 -28.07 13.94 -3.15
C ASN A 127 -26.68 13.33 -3.00
N LEU A 128 -25.68 14.00 -3.61
CA LEU A 128 -24.28 13.59 -3.64
C LEU A 128 -23.39 14.69 -3.08
N PRO A 129 -22.32 14.34 -2.36
CA PRO A 129 -21.46 15.36 -1.75
C PRO A 129 -20.44 15.95 -2.71
N ALA A 130 -20.01 17.18 -2.39
CA ALA A 130 -18.96 17.85 -3.15
C ALA A 130 -17.58 17.40 -2.66
N ASN A 131 -16.58 17.49 -3.57
CA ASN A 131 -15.23 16.99 -3.35
C ASN A 131 -14.16 18.00 -3.79
N ARG A 132 -12.96 17.86 -3.23
CA ARG A 132 -11.80 18.61 -3.69
C ARG A 132 -10.52 17.91 -3.21
N ALA A 133 -9.45 18.05 -4.01
CA ALA A 133 -8.12 17.59 -3.61
C ALA A 133 -7.04 18.55 -4.10
N HIS A 134 -5.98 18.71 -3.30
CA HIS A 134 -4.85 19.57 -3.64
C HIS A 134 -3.55 19.01 -3.07
N GLU A 135 -2.44 19.35 -3.74
CA GLU A 135 -1.11 19.06 -3.21
C GLU A 135 -0.90 19.75 -1.87
N ALA A 136 -0.15 19.08 -0.98
CA ALA A 136 0.09 19.60 0.36
C ALA A 136 1.43 19.12 0.89
N VAL A 137 1.94 19.84 1.89
CA VAL A 137 3.20 19.54 2.56
C VAL A 137 2.95 19.57 4.06
N ILE A 138 3.50 18.58 4.78
CA ILE A 138 3.49 18.52 6.24
C ILE A 138 4.93 18.54 6.74
N ALA A 139 5.28 19.56 7.51
CA ALA A 139 6.64 19.68 8.04
C ALA A 139 6.65 19.03 9.42
N THR A 140 7.27 17.84 9.51
CA THR A 140 7.17 17.09 10.75
C THR A 140 8.03 17.66 11.87
N TYR A 141 8.98 18.56 11.57
CA TYR A 141 9.81 19.23 12.57
C TYR A 141 9.18 20.51 13.13
N SER A 142 8.05 20.94 12.58
CA SER A 142 7.42 22.18 12.98
C SER A 142 6.82 22.09 14.39
N PRO A 143 6.85 23.19 15.15
CA PRO A 143 6.16 23.20 16.46
C PRO A 143 4.66 22.94 16.37
N LYS A 144 4.05 23.16 15.19
CA LYS A 144 2.63 22.86 14.98
C LYS A 144 2.35 21.40 14.64
N PHE A 145 3.38 20.57 14.47
CA PHE A 145 3.20 19.13 14.24
C PHE A 145 3.04 18.48 15.62
N THR A 146 1.80 18.33 16.07
CA THR A 146 1.52 17.73 17.38
C THR A 146 0.51 16.59 17.26
N PRO A 147 0.85 15.52 16.53
CA PRO A 147 -0.12 14.42 16.36
C PRO A 147 -0.53 13.74 17.66
N LYS A 148 0.37 13.62 18.64
CA LYS A 148 0.00 13.00 19.91
C LYS A 148 -1.07 13.82 20.64
N LEU A 149 -1.16 15.12 20.36
CA LEU A 149 -2.20 15.98 20.90
C LEU A 149 -3.47 15.98 20.05
N GLY A 150 -3.46 15.32 18.90
CA GLY A 150 -4.65 15.20 18.08
C GLY A 150 -4.79 16.23 16.98
N ASN A 151 -3.72 16.93 16.60
CA ASN A 151 -3.86 17.87 15.50
C ASN A 151 -2.50 18.18 14.90
N ILE A 152 -2.51 18.44 13.59
CA ILE A 152 -1.33 18.78 12.80
C ILE A 152 -1.67 19.97 11.89
N GLN A 153 -0.65 20.44 11.17
CA GLN A 153 -0.78 21.55 10.24
C GLN A 153 -0.19 21.12 8.89
N PHE A 154 -0.80 21.60 7.79
CA PHE A 154 -0.25 21.36 6.47
C PHE A 154 -0.36 22.61 5.63
N SER A 155 0.49 22.71 4.61
CA SER A 155 0.51 23.89 3.74
C SER A 155 0.15 23.47 2.33
N THR A 156 -0.45 24.39 1.56
CA THR A 156 -0.84 24.13 0.18
C THR A 156 -0.33 25.23 -0.72
N TRP A 157 -0.19 24.90 -2.02
CA TRP A 157 0.00 25.95 -3.00
C TRP A 157 -1.33 26.64 -3.32
N GLU A 158 -2.41 25.85 -3.41
CA GLU A 158 -3.77 26.39 -3.54
C GLU A 158 -4.08 27.32 -2.38
N THR A 159 -4.70 28.47 -2.68
CA THR A 159 -4.84 29.52 -1.69
C THR A 159 -6.17 29.51 -0.94
N GLN A 160 -7.20 28.82 -1.43
CA GLN A 160 -8.52 28.97 -0.80
C GLN A 160 -9.40 27.72 -0.81
N ASP A 161 -9.25 26.84 -1.79
CA ASP A 161 -10.19 25.74 -2.00
C ASP A 161 -9.98 24.56 -1.04
N VAL A 162 -9.99 24.83 0.26
CA VAL A 162 -9.96 23.80 1.31
C VAL A 162 -11.06 24.14 2.30
N SER A 163 -12.02 23.24 2.48
CA SER A 163 -13.21 23.53 3.28
C SER A 163 -13.03 23.16 4.75
N SER A 164 -13.59 23.98 5.64
CA SER A 164 -13.48 23.72 7.08
C SER A 164 -14.56 22.75 7.55
N GLY A 165 -14.20 21.91 8.52
CA GLY A 165 -15.15 20.99 9.13
C GLY A 165 -15.60 19.83 8.28
N GLN A 166 -14.85 19.47 7.24
CA GLN A 166 -15.21 18.35 6.37
C GLN A 166 -14.17 17.22 6.45
N PRO A 167 -14.59 15.96 6.35
CA PRO A 167 -13.64 14.83 6.42
C PRO A 167 -12.49 14.97 5.44
N THR A 168 -11.28 14.76 5.95
CA THR A 168 -10.05 15.04 5.20
C THR A 168 -9.11 13.85 5.27
N LYS A 169 -8.43 13.57 4.15
CA LYS A 169 -7.47 12.47 4.04
C LYS A 169 -6.16 13.02 3.52
N PHE A 170 -5.03 12.54 4.08
CA PHE A 170 -3.70 12.84 3.54
C PHE A 170 -3.12 11.55 2.95
N THR A 171 -2.86 11.56 1.62
CA THR A 171 -2.18 10.48 0.92
C THR A 171 -0.72 10.89 0.68
N PRO A 172 0.26 10.24 1.29
CA PRO A 172 1.66 10.65 1.10
C PRO A 172 2.17 10.24 -0.28
N VAL A 173 3.11 11.04 -0.82
CA VAL A 173 3.69 10.73 -2.12
C VAL A 173 5.21 10.79 -2.06
N GLY A 174 5.77 11.74 -1.32
CA GLY A 174 7.23 11.81 -1.25
C GLY A 174 7.69 12.96 -0.37
N LEU A 175 8.81 13.60 -0.71
CA LEU A 175 9.31 14.75 0.03
C LEU A 175 9.19 16.02 -0.81
N ALA A 176 9.00 17.17 -0.15
CA ALA A 176 8.92 18.41 -0.91
C ALA A 176 10.30 18.87 -1.39
N SER A 177 11.33 18.67 -0.57
CA SER A 177 12.66 19.19 -0.80
C SER A 177 13.61 18.44 0.12
N VAL A 178 14.90 18.44 -0.22
CA VAL A 178 15.91 17.99 0.74
C VAL A 178 17.04 19.01 0.86
N ASP A 179 16.73 20.28 0.59
CA ASP A 179 17.74 21.32 0.79
C ASP A 179 17.92 21.56 2.28
N ALA A 180 19.01 22.26 2.62
CA ALA A 180 19.37 22.48 4.02
C ALA A 180 18.20 23.01 4.84
N ASN A 181 17.41 23.94 4.28
CA ASN A 181 16.32 24.56 5.00
C ASN A 181 15.09 23.66 5.12
N SER A 182 15.13 22.45 4.58
CA SER A 182 14.01 21.52 4.66
C SER A 182 14.16 20.45 5.73
N HIS A 183 15.30 20.41 6.42
CA HIS A 183 15.52 19.59 7.61
C HIS A 183 15.09 18.12 7.46
N PHE A 184 15.56 17.49 6.38
CA PHE A 184 15.34 16.06 6.17
C PHE A 184 16.40 15.27 6.93
N ASP A 185 15.97 14.40 7.85
CA ASP A 185 16.89 13.49 8.53
C ASP A 185 16.10 12.26 8.96
N GLN A 186 16.37 11.13 8.32
CA GLN A 186 15.53 9.94 8.50
C GLN A 186 15.67 9.31 9.88
N TRP A 187 16.69 9.66 10.67
CA TRP A 187 16.86 9.10 12.00
C TRP A 187 16.49 10.07 13.12
N THR A 188 16.10 11.30 12.81
CA THR A 188 15.64 12.24 13.85
C THR A 188 14.12 12.13 13.99
N LEU A 189 13.66 11.78 15.20
CA LEU A 189 12.23 11.62 15.41
C LEU A 189 11.53 12.98 15.49
N PRO A 190 10.26 13.05 15.10
CA PRO A 190 9.47 14.24 15.42
C PRO A 190 9.24 14.33 16.92
N SER A 191 8.89 15.54 17.37
CA SER A 191 8.39 15.75 18.73
C SER A 191 6.88 15.63 18.68
N TYR A 192 6.36 14.45 19.00
CA TYR A 192 4.98 14.12 18.72
C TYR A 192 3.98 14.99 19.48
N SER A 193 4.39 15.58 20.62
CA SER A 193 3.52 16.44 21.40
C SER A 193 3.96 17.91 21.34
N GLY A 194 4.96 18.23 20.53
CA GLY A 194 5.39 19.59 20.37
C GLY A 194 6.80 19.81 20.90
N ALA A 195 7.30 21.01 20.62
CA ALA A 195 8.65 21.35 21.02
C ALA A 195 8.75 21.37 22.55
N LEU A 196 9.88 20.92 23.05
CA LEU A 196 10.27 20.87 24.46
C LEU A 196 9.61 19.73 25.25
N THR A 197 8.84 18.82 24.61
CA THR A 197 8.22 17.72 25.31
C THR A 197 8.93 16.41 24.98
N LEU A 198 9.00 15.51 25.96
CA LEU A 198 9.64 14.20 25.77
C LEU A 198 8.69 13.22 25.10
N ASN A 199 9.15 12.56 24.03
CA ASN A 199 8.39 11.49 23.41
C ASN A 199 8.27 10.31 24.37
N MET A 200 7.20 9.53 24.24
CA MET A 200 6.98 8.40 25.15
C MET A 200 6.53 7.15 24.40
N ASN A 201 6.62 6.02 25.11
CA ASN A 201 6.18 4.72 24.59
C ASN A 201 6.90 4.32 23.31
N LEU A 202 8.19 4.67 23.21
CA LEU A 202 8.92 4.43 21.96
C LEU A 202 9.37 2.98 21.84
N ALA A 203 9.40 2.49 20.59
CA ALA A 203 10.13 1.26 20.32
C ALA A 203 11.61 1.52 20.57
N PRO A 204 12.35 0.54 21.09
CA PRO A 204 13.73 0.81 21.54
C PRO A 204 14.72 0.98 20.38
N SER A 205 15.86 1.59 20.69
CA SER A 205 16.92 1.70 19.70
C SER A 205 17.49 0.33 19.36
N VAL A 206 18.10 0.22 18.18
CA VAL A 206 18.70 -1.02 17.70
C VAL A 206 20.16 -0.75 17.34
N ALA A 207 21.01 -1.75 17.55
CA ALA A 207 22.44 -1.62 17.29
C ALA A 207 23.07 -3.01 17.27
N PRO A 208 24.20 -3.18 16.58
CA PRO A 208 24.94 -4.44 16.69
C PRO A 208 25.55 -4.58 18.08
N VAL A 209 25.65 -5.83 18.55
CA VAL A 209 26.24 -6.12 19.85
C VAL A 209 27.32 -7.19 19.71
N PHE A 210 28.16 -7.06 18.69
CA PHE A 210 29.21 -8.04 18.41
C PHE A 210 30.23 -7.39 17.49
N PRO A 211 31.53 -7.63 17.68
CA PRO A 211 32.53 -6.97 16.83
C PRO A 211 32.46 -7.42 15.38
N GLY A 212 32.61 -6.47 14.47
CA GLY A 212 32.61 -6.76 13.06
C GLY A 212 31.24 -6.73 12.41
N GLU A 213 30.18 -6.50 13.17
CA GLU A 213 28.83 -6.50 12.65
C GLU A 213 28.30 -5.08 12.50
N CYS A 214 27.38 -4.92 11.55
CA CYS A 214 26.69 -3.67 11.29
C CYS A 214 25.24 -3.97 10.97
N LEU A 215 24.38 -2.96 11.11
CA LEU A 215 22.98 -3.10 10.72
C LEU A 215 22.86 -3.32 9.21
N LEU A 216 21.86 -4.11 8.81
CA LEU A 216 21.49 -4.30 7.41
C LEU A 216 20.06 -3.78 7.20
N PHE A 217 19.87 -2.91 6.20
CA PHE A 217 18.61 -2.24 5.94
C PHE A 217 17.99 -2.67 4.60
N PHE A 218 16.67 -2.49 4.50
CA PHE A 218 15.95 -2.54 3.23
C PHE A 218 15.70 -1.10 2.77
N ARG A 219 16.32 -0.70 1.65
CA ARG A 219 16.35 0.69 1.24
C ARG A 219 15.43 0.97 0.05
N SER A 220 14.71 2.11 0.11
CA SER A 220 13.88 2.61 -0.98
C SER A 220 14.22 4.08 -1.24
N PHE A 221 14.19 4.48 -2.51
CA PHE A 221 14.37 5.88 -2.89
C PHE A 221 13.01 6.56 -2.98
N ILE A 222 12.94 7.78 -2.46
CA ILE A 222 11.64 8.46 -2.25
C ILE A 222 11.51 9.62 -3.24
N PRO A 223 10.36 9.80 -3.89
CA PRO A 223 10.22 10.88 -4.87
C PRO A 223 10.36 12.27 -4.25
N LEU A 224 10.71 13.24 -5.10
CA LEU A 224 10.89 14.64 -4.73
C LEU A 224 9.97 15.53 -5.57
N LYS A 225 9.32 16.50 -4.90
CA LYS A 225 8.53 17.50 -5.64
C LYS A 225 9.43 18.42 -6.46
N GLY A 226 10.61 18.75 -5.95
CA GLY A 226 11.52 19.60 -6.70
C GLY A 226 12.90 19.62 -6.07
N GLY A 227 13.81 20.34 -6.75
CA GLY A 227 15.17 20.49 -6.25
C GLY A 227 16.09 19.34 -6.61
N TYR A 228 17.32 19.43 -6.11
CA TYR A 228 18.34 18.40 -6.32
C TYR A 228 18.33 17.39 -5.17
N GLY A 229 18.71 16.17 -5.48
CA GLY A 229 18.87 15.14 -4.47
C GLY A 229 18.43 13.76 -4.93
N ASN A 230 18.85 12.73 -4.18
CA ASN A 230 18.43 11.34 -4.42
C ASN A 230 18.10 10.68 -3.08
N PRO A 231 17.11 11.19 -2.35
CA PRO A 231 16.90 10.72 -0.97
C PRO A 231 16.42 9.28 -0.87
N ALA A 232 16.79 8.65 0.26
CA ALA A 232 16.44 7.25 0.53
C ALA A 232 15.85 7.09 1.93
N ILE A 233 15.03 6.05 2.10
CA ILE A 233 14.44 5.66 3.38
C ILE A 233 14.80 4.21 3.68
N ASP A 234 15.47 3.97 4.81
CA ASP A 234 15.90 2.63 5.20
C ASP A 234 14.98 2.08 6.28
N CYS A 235 14.47 0.86 6.09
CA CYS A 235 13.66 0.21 7.13
C CYS A 235 14.33 -1.05 7.65
N LEU A 236 14.00 -1.41 8.90
CA LEU A 236 14.62 -2.56 9.55
C LEU A 236 14.08 -3.88 9.01
N MET A 237 12.79 -3.94 8.65
CA MET A 237 12.16 -5.10 8.05
C MET A 237 11.07 -4.58 7.12
N PRO A 238 10.80 -5.27 6.02
CA PRO A 238 9.74 -4.82 5.11
C PRO A 238 8.35 -5.06 5.70
N GLN A 239 7.37 -4.31 5.17
CA GLN A 239 6.01 -4.39 5.68
C GLN A 239 5.47 -5.81 5.63
N GLU A 240 5.81 -6.57 4.59
CA GLU A 240 5.32 -7.95 4.50
C GLU A 240 5.88 -8.83 5.62
N TRP A 241 7.06 -8.50 6.15
CA TRP A 241 7.58 -9.23 7.32
C TRP A 241 6.80 -8.88 8.58
N VAL A 242 6.48 -7.59 8.76
CA VAL A 242 5.61 -7.17 9.86
C VAL A 242 4.29 -7.93 9.81
N GLN A 243 3.69 -8.03 8.61
CA GLN A 243 2.40 -8.71 8.50
C GLN A 243 2.53 -10.21 8.77
N HIS A 244 3.63 -10.83 8.31
CA HIS A 244 3.81 -12.27 8.53
C HIS A 244 4.06 -12.58 10.01
N LEU A 245 4.97 -11.84 10.65
CA LEU A 245 5.27 -12.11 12.05
C LEU A 245 4.02 -11.91 12.93
N TYR A 246 3.20 -10.91 12.62
CA TYR A 246 1.98 -10.71 13.38
C TYR A 246 1.03 -11.91 13.25
N GLN A 247 0.88 -12.44 12.02
CA GLN A 247 -0.02 -13.59 11.81
C GLN A 247 0.47 -14.81 12.56
N GLU A 248 1.78 -15.11 12.47
CA GLU A 248 2.30 -16.39 12.95
C GLU A 248 2.39 -16.43 14.47
N SER A 249 2.92 -15.38 15.09
CA SER A 249 3.11 -15.30 16.55
C SER A 249 3.88 -16.51 17.09
N ALA A 250 4.94 -16.89 16.40
CA ALA A 250 5.73 -18.04 16.83
C ALA A 250 6.64 -17.65 17.99
N PRO A 251 6.69 -18.45 19.07
CA PRO A 251 7.57 -18.11 20.20
C PRO A 251 9.03 -18.06 19.77
N SER A 252 9.74 -17.06 20.28
CA SER A 252 11.18 -16.93 20.05
C SER A 252 11.92 -17.84 21.02
N LEU A 253 12.70 -18.78 20.48
CA LEU A 253 13.38 -19.76 21.31
C LEU A 253 14.78 -19.33 21.75
N SER A 254 15.30 -18.25 21.19
CA SER A 254 16.51 -17.61 21.70
C SER A 254 16.43 -16.13 21.35
N ASP A 255 17.50 -15.39 21.64
CA ASP A 255 17.49 -13.96 21.36
C ASP A 255 17.90 -13.62 19.93
N VAL A 256 18.42 -14.57 19.17
CA VAL A 256 18.93 -14.33 17.81
C VAL A 256 18.62 -15.53 16.94
N ALA A 257 18.07 -15.28 15.76
CA ALA A 257 17.86 -16.33 14.75
C ALA A 257 18.91 -16.18 13.66
N LEU A 258 19.52 -17.28 13.26
CA LEU A 258 20.43 -17.29 12.14
C LEU A 258 19.62 -17.46 10.85
N VAL A 259 19.80 -16.53 9.91
CA VAL A 259 19.10 -16.60 8.63
C VAL A 259 20.13 -16.57 7.52
N ARG A 260 19.76 -17.18 6.39
CA ARG A 260 20.61 -17.22 5.21
C ARG A 260 19.91 -16.61 4.01
N TYR A 261 20.65 -15.80 3.25
CA TYR A 261 20.15 -15.21 2.01
C TYR A 261 20.52 -16.14 0.87
N VAL A 262 19.53 -16.82 0.29
CA VAL A 262 19.78 -17.90 -0.64
C VAL A 262 19.36 -17.50 -2.05
N ASN A 263 20.10 -18.03 -3.02
CA ASN A 263 19.75 -17.93 -4.43
C ASN A 263 19.04 -19.22 -4.81
N PRO A 264 17.71 -19.22 -4.93
CA PRO A 264 17.00 -20.50 -5.13
C PRO A 264 17.38 -21.24 -6.40
N GLU A 265 17.80 -20.53 -7.45
CA GLU A 265 18.16 -21.19 -8.70
C GLU A 265 19.33 -22.15 -8.49
N THR A 266 20.47 -21.63 -8.01
CA THR A 266 21.62 -22.48 -7.73
C THR A 266 21.50 -23.18 -6.39
N GLY A 267 20.62 -22.70 -5.51
CA GLY A 267 20.49 -23.25 -4.18
C GLY A 267 21.56 -22.83 -3.20
N ARG A 268 22.41 -21.89 -3.57
CA ARG A 268 23.57 -21.54 -2.75
C ARG A 268 23.26 -20.39 -1.80
N THR A 269 23.98 -20.36 -0.68
CA THR A 269 23.88 -19.29 0.28
C THR A 269 24.74 -18.12 -0.21
N LEU A 270 24.13 -16.94 -0.35
CA LEU A 270 24.90 -15.78 -0.80
C LEU A 270 25.59 -15.07 0.36
N PHE A 271 24.94 -15.04 1.52
CA PHE A 271 25.53 -14.54 2.77
C PHE A 271 24.58 -14.93 3.90
N GLU A 272 25.05 -14.82 5.13
CA GLU A 272 24.20 -15.10 6.28
C GLU A 272 24.12 -13.89 7.20
N ALA A 273 23.10 -13.87 8.07
CA ALA A 273 22.82 -12.71 8.90
C ALA A 273 22.17 -13.16 10.20
N LYS A 274 22.22 -12.28 11.20
CA LYS A 274 21.49 -12.47 12.46
C LYS A 274 20.20 -11.68 12.43
N LEU A 275 19.08 -12.34 12.74
CA LEU A 275 17.78 -11.67 12.89
C LEU A 275 17.49 -11.60 14.39
N HIS A 276 17.55 -10.39 14.93
CA HIS A 276 17.43 -10.20 16.38
C HIS A 276 15.97 -10.18 16.84
N ARG A 277 15.78 -10.56 18.12
CA ARG A 277 14.45 -10.72 18.71
C ARG A 277 13.60 -9.46 18.58
N ASN A 278 14.22 -8.29 18.72
CA ASN A 278 13.46 -7.05 18.64
C ASN A 278 13.04 -6.72 17.21
N GLY A 279 13.54 -7.45 16.20
CA GLY A 279 13.10 -7.24 14.83
C GLY A 279 14.05 -6.41 13.99
N PHE A 280 15.31 -6.84 13.87
CA PHE A 280 16.27 -6.17 13.00
C PHE A 280 17.39 -7.14 12.65
N LEU A 281 18.15 -6.79 11.60
CA LEU A 281 19.22 -7.64 11.05
C LEU A 281 20.60 -7.02 11.23
N THR A 282 21.60 -7.89 11.45
CA THR A 282 23.01 -7.50 11.39
C THR A 282 23.78 -8.49 10.50
N VAL A 283 24.84 -7.98 9.87
CA VAL A 283 25.73 -8.79 9.03
C VAL A 283 27.18 -8.46 9.39
N ALA A 284 28.08 -9.35 8.98
CA ALA A 284 29.52 -9.18 9.17
C ALA A 284 30.08 -8.57 7.89
N ARG A 285 30.08 -7.23 7.83
CA ARG A 285 30.53 -6.45 6.68
C ARG A 285 31.23 -5.20 7.19
N ASN A 286 32.30 -4.75 6.50
CA ASN A 286 33.03 -3.57 6.95
C ASN A 286 33.02 -2.44 5.91
N SER A 287 31.98 -2.35 5.09
CA SER A 287 31.83 -1.30 4.08
C SER A 287 30.39 -0.79 4.09
N ALA A 288 30.20 0.39 3.50
CA ALA A 288 28.88 0.99 3.36
C ALA A 288 28.44 0.96 1.89
N GLY A 289 27.13 0.93 1.68
CA GLY A 289 26.60 0.98 0.34
C GLY A 289 25.75 -0.23 0.04
N PRO A 290 25.30 -0.33 -1.22
CA PRO A 290 24.38 -1.41 -1.58
C PRO A 290 25.02 -2.79 -1.52
N VAL A 291 24.17 -3.78 -1.31
CA VAL A 291 24.51 -5.19 -1.42
C VAL A 291 24.09 -5.62 -2.83
N VAL A 292 25.04 -5.98 -3.68
CA VAL A 292 24.69 -6.39 -5.05
C VAL A 292 24.47 -7.91 -5.04
N ALA A 293 23.23 -8.32 -5.27
CA ALA A 293 22.85 -9.72 -5.19
C ALA A 293 21.88 -10.06 -6.31
N PRO A 294 21.81 -11.33 -6.71
CA PRO A 294 20.87 -11.74 -7.76
C PRO A 294 19.43 -11.40 -7.41
N THR A 295 18.64 -11.17 -8.45
CA THR A 295 17.25 -10.75 -8.27
C THR A 295 16.38 -11.81 -7.59
N ASN A 296 16.76 -13.08 -7.64
CA ASN A 296 15.91 -14.14 -7.11
C ASN A 296 16.10 -14.41 -5.60
N GLY A 297 17.00 -13.67 -4.92
CA GLY A 297 17.37 -14.03 -3.56
C GLY A 297 16.33 -13.66 -2.50
N TYR A 298 16.33 -14.42 -1.41
CA TYR A 298 15.48 -14.14 -0.26
C TYR A 298 16.06 -14.77 0.99
N PHE A 299 15.60 -14.28 2.14
CA PHE A 299 16.07 -14.78 3.42
C PHE A 299 15.30 -16.04 3.82
N ARG A 300 16.02 -17.02 4.38
CA ARG A 300 15.45 -18.26 4.88
C ARG A 300 15.91 -18.50 6.32
N PHE A 301 14.98 -18.90 7.18
CA PHE A 301 15.32 -19.23 8.55
C PHE A 301 16.09 -20.54 8.62
N ASP A 302 17.16 -20.55 9.42
CA ASP A 302 18.00 -21.73 9.59
C ASP A 302 17.89 -22.32 10.99
N SER A 303 18.20 -21.56 12.03
CA SER A 303 18.17 -22.07 13.40
C SER A 303 18.25 -20.92 14.39
N TRP A 304 17.87 -21.21 15.64
CA TRP A 304 18.06 -20.28 16.74
C TRP A 304 19.45 -20.46 17.31
N VAL A 305 20.19 -19.36 17.45
CA VAL A 305 21.54 -19.39 18.00
C VAL A 305 21.59 -18.39 19.17
N ASN A 306 22.78 -17.93 19.54
CA ASN A 306 22.90 -16.93 20.59
C ASN A 306 23.77 -15.78 20.08
N GLN A 307 23.91 -14.75 20.92
CA GLN A 307 24.61 -13.53 20.55
C GLN A 307 26.12 -13.72 20.45
N PHE A 308 26.63 -14.91 20.72
CA PHE A 308 28.05 -15.20 20.56
C PHE A 308 28.34 -15.99 19.30
N TYR A 309 27.35 -16.20 18.44
CA TYR A 309 27.57 -16.84 17.14
C TYR A 309 28.39 -15.92 16.23
N THR A 310 29.41 -16.47 15.59
CA THR A 310 30.24 -15.72 14.66
C THR A 310 29.73 -15.93 13.23
N LEU A 311 29.25 -14.85 12.61
CA LEU A 311 28.78 -14.90 11.24
C LEU A 311 29.95 -15.01 10.25
N ALA A 312 29.71 -15.71 9.16
CA ALA A 312 30.68 -15.74 8.07
C ALA A 312 30.72 -14.38 7.39
N PRO A 313 31.90 -13.80 7.18
CA PRO A 313 31.99 -12.50 6.52
C PRO A 313 31.28 -12.49 5.18
N MET A 314 30.60 -11.39 4.87
CA MET A 314 29.83 -11.29 3.62
C MET A 314 30.74 -11.29 2.40
N LYS B 1 -1.51 -30.43 2.04
CA LYS B 1 -1.30 -29.16 2.73
C LYS B 1 -2.63 -28.42 2.92
N PRO B 2 -3.04 -28.25 4.18
CA PRO B 2 -4.39 -27.71 4.44
C PRO B 2 -4.54 -26.28 3.95
N PHE B 3 -5.74 -25.98 3.42
CA PHE B 3 -6.07 -24.64 2.97
C PHE B 3 -6.37 -23.72 4.16
N THR B 4 -5.87 -22.48 4.10
CA THR B 4 -6.08 -21.50 5.15
C THR B 4 -6.28 -20.11 4.55
N LEU B 5 -6.94 -19.24 5.33
CA LEU B 5 -7.06 -17.81 5.09
C LEU B 5 -6.37 -17.07 6.22
N PRO B 6 -5.84 -15.86 5.97
CA PRO B 6 -5.23 -15.09 7.07
C PRO B 6 -6.27 -14.66 8.09
N ILE B 7 -5.80 -14.27 9.25
CA ILE B 7 -6.67 -13.79 10.33
C ILE B 7 -6.51 -12.27 10.34
N LEU B 8 -7.38 -11.59 9.59
CA LEU B 8 -7.33 -10.15 9.47
C LEU B 8 -8.76 -9.62 9.43
N THR B 9 -9.03 -8.64 10.28
CA THR B 9 -10.34 -8.00 10.28
C THR B 9 -10.43 -7.04 9.08
N LEU B 10 -11.64 -6.57 8.81
CA LEU B 10 -11.81 -5.60 7.73
C LEU B 10 -10.91 -4.39 7.91
N GLY B 11 -10.72 -3.93 9.15
CA GLY B 11 -9.83 -2.82 9.39
C GLY B 11 -8.36 -3.11 9.24
N GLU B 12 -8.00 -4.35 8.87
CA GLU B 12 -6.61 -4.72 8.65
C GLU B 12 -6.35 -5.18 7.21
N LEU B 13 -7.26 -4.86 6.28
CA LEU B 13 -7.19 -5.30 4.89
C LEU B 13 -7.18 -4.11 3.94
N THR B 14 -6.61 -4.32 2.75
CA THR B 14 -6.55 -3.28 1.72
C THR B 14 -7.09 -3.79 0.38
N ASN B 15 -7.51 -2.84 -0.45
CA ASN B 15 -8.07 -3.16 -1.76
C ASN B 15 -6.98 -3.64 -2.72
N SER B 16 -7.34 -4.60 -3.58
CA SER B 16 -6.42 -5.15 -4.57
C SER B 16 -6.54 -4.47 -5.92
N ARG B 17 -7.51 -3.57 -6.11
CA ARG B 17 -7.72 -2.88 -7.39
C ARG B 17 -7.36 -1.39 -7.36
N PHE B 18 -7.13 -0.81 -6.17
CA PHE B 18 -6.65 0.56 -6.00
C PHE B 18 -6.05 0.66 -4.61
N PRO B 19 -5.02 1.51 -4.40
CA PRO B 19 -4.38 1.59 -3.07
C PRO B 19 -5.23 2.24 -2.00
N LEU B 20 -6.17 1.49 -1.41
CA LEU B 20 -7.14 1.99 -0.44
C LEU B 20 -7.40 0.94 0.63
N PRO B 21 -7.72 1.36 1.85
CA PRO B 21 -8.17 0.39 2.85
C PRO B 21 -9.57 -0.08 2.50
N ILE B 22 -9.91 -1.28 2.96
CA ILE B 22 -11.27 -1.80 2.80
C ILE B 22 -12.19 -1.09 3.79
N ASP B 23 -13.30 -0.57 3.30
CA ASP B 23 -14.25 0.13 4.16
C ASP B 23 -15.42 -0.72 4.64
N VAL B 24 -16.04 -1.53 3.76
CA VAL B 24 -17.22 -2.32 4.11
C VAL B 24 -17.25 -3.54 3.19
N LEU B 25 -17.97 -4.58 3.62
CA LEU B 25 -18.38 -5.64 2.71
C LEU B 25 -19.67 -5.21 2.01
N TYR B 26 -19.90 -5.70 0.79
CA TYR B 26 -20.95 -5.11 -0.03
C TYR B 26 -21.52 -6.12 -1.04
N THR B 27 -22.84 -6.03 -1.29
CA THR B 27 -23.51 -6.81 -2.32
C THR B 27 -24.35 -5.91 -3.24
N ASN B 28 -24.61 -6.42 -4.46
CA ASN B 28 -25.47 -5.73 -5.41
C ASN B 28 -26.05 -6.76 -6.39
N PRO B 29 -27.08 -7.49 -5.98
CA PRO B 29 -27.56 -8.61 -6.82
C PRO B 29 -28.05 -8.20 -8.20
N ASN B 30 -28.54 -6.98 -8.37
CA ASN B 30 -29.11 -6.57 -9.64
C ASN B 30 -28.09 -5.97 -10.61
N GLU B 31 -26.79 -6.13 -10.33
CA GLU B 31 -25.76 -5.70 -11.26
C GLU B 31 -25.95 -6.39 -12.61
N SER B 32 -26.04 -5.60 -13.67
CA SER B 32 -26.21 -6.16 -15.01
C SER B 32 -24.90 -6.38 -15.76
N ALA B 33 -23.82 -5.72 -15.35
CA ALA B 33 -22.57 -5.84 -16.10
C ALA B 33 -21.87 -7.17 -15.80
N ILE B 34 -21.08 -7.63 -16.76
CA ILE B 34 -20.22 -8.78 -16.55
C ILE B 34 -19.04 -8.36 -15.66
N VAL B 35 -18.79 -9.11 -14.60
CA VAL B 35 -17.71 -8.81 -13.66
C VAL B 35 -16.46 -9.57 -14.11
N GLN B 36 -15.45 -8.85 -14.62
CA GLN B 36 -14.25 -9.50 -15.15
C GLN B 36 -13.03 -8.62 -14.88
N CYS B 37 -12.88 -8.15 -13.65
CA CYS B 37 -11.73 -7.34 -13.30
C CYS B 37 -10.44 -8.14 -13.41
N GLN B 38 -9.31 -7.43 -13.57
CA GLN B 38 -8.02 -8.06 -13.84
C GLN B 38 -7.00 -7.89 -12.73
N ASN B 39 -7.20 -6.95 -11.81
CA ASN B 39 -6.38 -6.88 -10.60
C ASN B 39 -7.13 -7.54 -9.45
N GLY B 40 -6.37 -8.04 -8.48
CA GLY B 40 -6.94 -8.82 -7.40
C GLY B 40 -7.47 -10.18 -7.82
N ARG B 41 -6.79 -10.83 -8.76
CA ARG B 41 -7.23 -12.11 -9.31
C ARG B 41 -6.19 -13.17 -8.97
N CYS B 42 -6.62 -14.21 -8.24
CA CYS B 42 -5.73 -15.27 -7.80
C CYS B 42 -6.57 -16.50 -7.47
N THR B 43 -6.21 -17.66 -8.00
CA THR B 43 -6.90 -18.90 -7.65
C THR B 43 -6.55 -19.30 -6.21
N LEU B 44 -7.33 -20.24 -5.68
CA LEU B 44 -7.15 -20.67 -4.30
C LEU B 44 -5.85 -21.44 -4.09
N ASP B 45 -5.28 -22.05 -5.13
CA ASP B 45 -3.99 -22.71 -4.98
C ASP B 45 -2.81 -21.80 -5.32
N GLY B 46 -3.06 -20.51 -5.51
CA GLY B 46 -2.00 -19.52 -5.51
C GLY B 46 -1.50 -19.02 -6.85
N GLU B 47 -2.27 -19.21 -7.93
CA GLU B 47 -1.86 -18.78 -9.26
C GLU B 47 -2.43 -17.39 -9.53
N LEU B 48 -1.54 -16.39 -9.62
CA LEU B 48 -1.96 -15.05 -10.00
C LEU B 48 -2.47 -15.04 -11.44
N GLN B 49 -3.49 -14.23 -11.72
CA GLN B 49 -4.07 -14.17 -13.06
C GLN B 49 -4.29 -12.71 -13.46
N GLY B 50 -4.57 -12.50 -14.75
CA GLY B 50 -4.82 -11.14 -15.23
C GLY B 50 -3.56 -10.29 -15.17
N THR B 51 -3.71 -9.04 -14.69
CA THR B 51 -2.58 -8.13 -14.47
C THR B 51 -2.14 -8.08 -13.01
N THR B 52 -2.52 -9.08 -12.22
CA THR B 52 -2.26 -9.05 -10.78
C THR B 52 -0.79 -9.29 -10.44
N GLN B 53 -0.26 -8.47 -9.52
CA GLN B 53 1.07 -8.66 -8.95
C GLN B 53 0.99 -8.43 -7.45
N LEU B 54 2.11 -8.71 -6.75
CA LEU B 54 2.10 -8.78 -5.28
C LEU B 54 2.24 -7.44 -4.56
N LEU B 55 2.82 -6.41 -5.19
CA LEU B 55 3.15 -5.18 -4.43
C LEU B 55 1.90 -4.30 -4.22
N PRO B 56 1.59 -3.88 -2.99
CA PRO B 56 0.53 -2.86 -2.82
C PRO B 56 0.84 -1.54 -3.50
N THR B 57 2.13 -1.20 -3.66
CA THR B 57 2.55 0.00 -4.36
C THR B 57 2.49 -0.13 -5.87
N GLY B 58 2.25 -1.33 -6.41
CA GLY B 58 2.17 -1.53 -7.84
C GLY B 58 0.79 -1.41 -8.44
N ILE B 59 -0.25 -1.37 -7.62
CA ILE B 59 -1.63 -1.34 -8.11
C ILE B 59 -1.94 0.02 -8.72
N CYS B 60 -2.27 0.04 -10.02
CA CYS B 60 -2.55 1.26 -10.79
C CYS B 60 -1.33 2.19 -10.86
N ALA B 61 -0.13 1.63 -10.75
CA ALA B 61 1.09 2.41 -10.89
C ALA B 61 1.74 2.16 -12.24
N PHE B 62 2.59 3.11 -12.68
CA PHE B 62 3.36 2.98 -13.91
C PHE B 62 4.79 3.46 -13.69
N ARG B 63 5.70 2.90 -14.48
CA ARG B 63 7.07 3.39 -14.55
C ARG B 63 7.48 3.44 -16.03
N GLY B 64 8.30 4.43 -16.38
CA GLY B 64 8.69 4.58 -17.77
C GLY B 64 9.47 5.87 -18.01
N LYS B 65 9.31 6.42 -19.21
CA LYS B 65 9.99 7.64 -19.64
C LYS B 65 9.07 8.45 -20.55
N VAL B 66 9.10 9.77 -20.39
CA VAL B 66 8.35 10.65 -21.28
C VAL B 66 9.12 10.82 -22.58
N THR B 67 8.42 10.71 -23.71
CA THR B 67 9.05 10.89 -25.02
C THR B 67 8.78 12.24 -25.65
N GLN B 68 7.54 12.74 -25.56
CA GLN B 68 7.19 14.01 -26.18
C GLN B 68 5.88 14.53 -25.61
N GLN B 69 5.60 15.79 -25.90
CA GLN B 69 4.38 16.45 -25.46
C GLN B 69 3.23 16.12 -26.44
N THR B 77 -2.58 19.95 -21.21
CA THR B 77 -1.28 19.60 -21.78
C THR B 77 -1.03 18.11 -21.64
N HIS B 78 -0.69 17.45 -22.75
CA HIS B 78 -0.58 15.99 -22.79
C HIS B 78 0.84 15.55 -23.09
N TRP B 79 1.22 14.40 -22.54
CA TRP B 79 2.57 13.86 -22.66
C TRP B 79 2.50 12.38 -22.95
N ASN B 80 3.33 11.90 -23.88
CA ASN B 80 3.39 10.47 -24.16
C ASN B 80 4.49 9.85 -23.34
N MET B 81 4.21 8.67 -22.79
CA MET B 81 5.15 7.99 -21.91
C MET B 81 5.26 6.55 -22.36
N THR B 82 6.50 6.10 -22.62
CA THR B 82 6.75 4.67 -22.78
C THR B 82 6.78 4.04 -21.39
N VAL B 83 6.22 2.84 -21.27
CA VAL B 83 6.16 2.18 -19.97
C VAL B 83 6.97 0.89 -20.00
N THR B 84 7.59 0.59 -18.86
CA THR B 84 8.33 -0.65 -18.68
C THR B 84 7.58 -1.52 -17.67
N ASN B 85 8.15 -2.66 -17.33
CA ASN B 85 7.63 -3.41 -16.19
C ASN B 85 7.91 -2.60 -14.93
N LEU B 86 7.14 -2.88 -13.87
CA LEU B 86 7.31 -2.13 -12.63
C LEU B 86 8.73 -2.26 -12.07
N ASN B 87 9.39 -3.40 -12.31
CA ASN B 87 10.77 -3.59 -11.83
C ASN B 87 11.83 -2.95 -12.73
N GLY B 88 11.43 -2.22 -13.76
CA GLY B 88 12.38 -1.50 -14.60
C GLY B 88 12.82 -2.22 -15.85
N THR B 89 12.69 -3.55 -15.90
CA THR B 89 13.03 -4.28 -17.12
C THR B 89 12.06 -3.92 -18.24
N PRO B 90 12.49 -4.06 -19.50
CA PRO B 90 11.60 -3.74 -20.61
C PRO B 90 10.38 -4.65 -20.61
N PHE B 91 9.23 -4.09 -20.95
CA PHE B 91 8.01 -4.88 -21.08
C PHE B 91 8.02 -5.61 -22.41
N ASP B 92 7.75 -6.92 -22.38
CA ASP B 92 7.75 -7.72 -23.59
C ASP B 92 6.31 -7.92 -24.04
N PRO B 93 5.86 -7.26 -25.10
CA PRO B 93 4.45 -7.37 -25.49
C PRO B 93 4.01 -8.77 -25.86
N THR B 94 4.95 -9.68 -26.13
CA THR B 94 4.60 -11.06 -26.44
C THR B 94 4.39 -11.92 -25.20
N GLU B 95 4.61 -11.39 -24.00
CA GLU B 95 4.32 -12.15 -22.80
C GLU B 95 2.83 -12.40 -22.65
N ASP B 96 2.48 -13.53 -22.06
CA ASP B 96 1.08 -13.97 -21.95
C ASP B 96 0.36 -13.25 -20.81
N VAL B 97 0.29 -11.92 -20.92
CA VAL B 97 -0.42 -11.08 -19.95
C VAL B 97 -1.26 -10.06 -20.71
N PRO B 98 -2.33 -9.55 -20.10
CA PRO B 98 -3.16 -8.55 -20.81
C PRO B 98 -2.45 -7.23 -21.03
N ALA B 99 -1.53 -6.86 -20.15
CA ALA B 99 -0.85 -5.58 -20.08
C ALA B 99 0.23 -5.70 -19.01
N PRO B 100 1.10 -4.70 -18.83
CA PRO B 100 2.08 -4.79 -17.74
C PRO B 100 1.36 -4.95 -16.41
N LEU B 101 1.89 -5.84 -15.57
CA LEU B 101 1.24 -6.11 -14.28
C LEU B 101 1.12 -4.83 -13.46
N GLY B 102 -0.07 -4.64 -12.87
CA GLY B 102 -0.39 -3.43 -12.14
C GLY B 102 -1.22 -2.43 -12.92
N THR B 103 -1.26 -2.56 -14.25
CA THR B 103 -2.04 -1.66 -15.09
C THR B 103 -3.47 -1.56 -14.58
N PRO B 104 -4.06 -0.37 -14.53
CA PRO B 104 -5.46 -0.25 -14.06
C PRO B 104 -6.40 -1.09 -14.91
N ASP B 105 -7.46 -1.57 -14.26
CA ASP B 105 -8.40 -2.48 -14.93
C ASP B 105 -9.81 -1.89 -15.08
N PHE B 106 -9.95 -0.56 -15.12
CA PHE B 106 -11.29 0.01 -15.29
C PHE B 106 -11.23 1.29 -16.10
N SER B 107 -12.38 1.63 -16.71
CA SER B 107 -12.55 2.87 -17.47
C SER B 107 -12.72 4.05 -16.51
N GLY B 108 -11.90 5.08 -16.70
CA GLY B 108 -12.05 6.29 -15.91
C GLY B 108 -10.88 7.24 -16.10
N GLN B 109 -10.97 8.38 -15.41
CA GLN B 109 -9.91 9.38 -15.38
C GLN B 109 -9.21 9.24 -14.04
N ILE B 110 -8.07 8.55 -14.04
CA ILE B 110 -7.34 8.25 -12.81
C ILE B 110 -6.39 9.40 -12.50
N TYR B 111 -6.51 9.93 -11.28
CA TYR B 111 -5.79 11.11 -10.80
C TYR B 111 -4.63 10.70 -9.89
N GLY B 112 -3.46 11.30 -10.10
CA GLY B 112 -2.32 10.97 -9.27
C GLY B 112 -1.19 11.97 -9.43
N VAL B 113 0.03 11.54 -9.17
CA VAL B 113 1.20 12.43 -9.26
C VAL B 113 2.25 11.76 -10.14
N ILE B 114 2.74 12.50 -11.12
CA ILE B 114 3.89 12.11 -11.93
C ILE B 114 5.13 12.76 -11.31
N SER B 115 6.17 11.96 -11.06
CA SER B 115 7.43 12.48 -10.55
C SER B 115 8.58 11.95 -11.41
N GLN B 116 9.67 12.73 -11.45
CA GLN B 116 10.86 12.38 -12.22
C GLN B 116 12.12 12.65 -11.41
N ARG B 117 13.12 11.78 -11.56
CA ARG B 117 14.47 12.00 -11.02
C ARG B 117 15.46 11.78 -12.17
N ASN B 118 16.14 12.84 -12.57
CA ASN B 118 16.97 12.80 -13.76
C ASN B 118 18.12 11.79 -13.66
N THR B 119 18.50 11.26 -14.82
CA THR B 119 19.65 10.36 -14.93
C THR B 119 20.98 11.11 -14.84
N LEU B 128 24.31 15.57 -7.80
CA LEU B 128 22.96 15.19 -7.40
C LEU B 128 21.98 15.53 -8.51
N PRO B 129 21.03 14.65 -8.79
CA PRO B 129 20.13 14.87 -9.93
C PRO B 129 19.01 15.85 -9.61
N ALA B 130 18.48 16.45 -10.67
CA ALA B 130 17.33 17.36 -10.57
C ALA B 130 16.03 16.57 -10.54
N ASN B 131 15.01 17.17 -9.90
CA ASN B 131 13.71 16.50 -9.71
C ASN B 131 12.55 17.43 -10.02
N ARG B 132 11.39 16.83 -10.30
CA ARG B 132 10.13 17.56 -10.44
C ARG B 132 8.97 16.58 -10.29
N ALA B 133 7.84 17.09 -9.75
CA ALA B 133 6.60 16.32 -9.69
C ALA B 133 5.40 17.25 -9.91
N HIS B 134 4.35 16.70 -10.54
CA HIS B 134 3.14 17.46 -10.83
C HIS B 134 1.90 16.57 -10.73
N GLU B 135 0.77 17.18 -10.44
CA GLU B 135 -0.50 16.47 -10.54
C GLU B 135 -0.74 16.04 -11.99
N ALA B 136 -1.34 14.86 -12.19
CA ALA B 136 -1.57 14.34 -13.53
C ALA B 136 -2.81 13.47 -13.57
N VAL B 137 -3.33 13.26 -14.78
CA VAL B 137 -4.53 12.44 -15.02
C VAL B 137 -4.26 11.48 -16.18
N ILE B 138 -4.67 10.22 -16.01
CA ILE B 138 -4.60 9.20 -17.06
C ILE B 138 -6.00 8.72 -17.39
N ALA B 139 -6.44 8.95 -18.64
CA ALA B 139 -7.77 8.53 -19.07
C ALA B 139 -7.65 7.15 -19.73
N THR B 140 -8.09 6.12 -19.02
CA THR B 140 -7.90 4.74 -19.46
C THR B 140 -8.81 4.33 -20.60
N TYR B 141 -9.85 5.11 -20.91
CA TYR B 141 -10.74 4.87 -22.05
C TYR B 141 -10.24 5.50 -23.34
N SER B 142 -9.17 6.28 -23.26
CA SER B 142 -8.64 7.03 -24.40
C SER B 142 -8.05 6.09 -25.46
N PRO B 143 -8.16 6.45 -26.74
CA PRO B 143 -7.46 5.68 -27.79
C PRO B 143 -5.95 5.67 -27.62
N LYS B 144 -5.39 6.63 -26.90
CA LYS B 144 -3.95 6.71 -26.63
C LYS B 144 -3.49 5.88 -25.45
N PHE B 145 -4.40 5.25 -24.71
CA PHE B 145 -4.06 4.36 -23.60
C PHE B 145 -3.82 2.97 -24.17
N THR B 146 -2.56 2.68 -24.54
CA THR B 146 -2.20 1.38 -25.12
C THR B 146 -1.04 0.73 -24.36
N PRO B 147 -1.24 0.38 -23.09
CA PRO B 147 -0.12 -0.19 -22.31
C PRO B 147 0.40 -1.52 -22.84
N LYS B 148 -0.44 -2.36 -23.42
CA LYS B 148 0.04 -3.62 -23.99
C LYS B 148 1.00 -3.38 -25.16
N LEU B 149 0.90 -2.23 -25.82
CA LEU B 149 1.85 -1.84 -26.86
C LEU B 149 3.06 -1.12 -26.32
N GLY B 150 3.09 -0.84 -25.02
CA GLY B 150 4.24 -0.23 -24.38
C GLY B 150 4.20 1.28 -24.21
N ASN B 151 3.04 1.92 -24.33
CA ASN B 151 3.01 3.36 -24.14
C ASN B 151 1.61 3.84 -23.78
N ILE B 152 1.58 4.89 -22.96
CA ILE B 152 0.35 5.53 -22.51
C ILE B 152 0.49 7.03 -22.64
N GLN B 153 -0.59 7.74 -22.29
CA GLN B 153 -0.60 9.20 -22.32
C GLN B 153 -1.15 9.70 -21.00
N PHE B 154 -0.60 10.83 -20.53
CA PHE B 154 -1.12 11.49 -19.33
C PHE B 154 -1.18 13.00 -19.55
N SER B 155 -2.08 13.65 -18.82
CA SER B 155 -2.31 15.08 -18.97
C SER B 155 -1.96 15.80 -17.67
N THR B 156 -1.53 17.06 -17.80
CA THR B 156 -1.19 17.88 -16.64
C THR B 156 -1.90 19.23 -16.77
N TRP B 157 -2.11 19.87 -15.61
CA TRP B 157 -2.43 21.29 -15.57
C TRP B 157 -1.18 22.12 -15.83
N GLU B 158 -0.03 21.68 -15.29
CA GLU B 158 1.25 22.28 -15.59
C GLU B 158 1.48 22.27 -17.10
N THR B 159 1.99 23.39 -17.62
CA THR B 159 2.06 23.56 -19.07
C THR B 159 3.42 23.21 -19.68
N GLN B 160 4.50 23.11 -18.90
CA GLN B 160 5.80 22.94 -19.56
C GLN B 160 6.84 22.09 -18.83
N ASP B 161 6.83 22.12 -17.50
CA ASP B 161 7.93 21.54 -16.71
C ASP B 161 7.83 20.02 -16.53
N VAL B 162 7.81 19.31 -17.65
CA VAL B 162 7.89 17.84 -17.67
C VAL B 162 8.99 17.47 -18.66
N SER B 163 10.02 16.76 -18.17
CA SER B 163 11.24 16.50 -18.95
C SER B 163 11.13 15.22 -19.78
N SER B 164 11.70 15.25 -20.99
CA SER B 164 11.73 14.09 -21.86
C SER B 164 12.98 13.25 -21.61
N GLY B 165 12.82 11.94 -21.75
CA GLY B 165 13.94 11.03 -21.64
C GLY B 165 14.50 10.83 -20.24
N GLN B 166 13.73 11.15 -19.21
CA GLN B 166 14.13 11.00 -17.81
C GLN B 166 13.21 10.01 -17.10
N PRO B 167 13.74 9.18 -16.19
CA PRO B 167 12.91 8.19 -15.48
C PRO B 167 11.71 8.83 -14.79
N THR B 168 10.52 8.24 -15.01
CA THR B 168 9.25 8.82 -14.59
C THR B 168 8.41 7.78 -13.83
N LYS B 169 7.73 8.25 -12.77
CA LYS B 169 6.89 7.40 -11.92
C LYS B 169 5.49 8.00 -11.84
N PHE B 170 4.46 7.15 -11.87
CA PHE B 170 3.08 7.59 -11.64
C PHE B 170 2.60 6.99 -10.32
N THR B 171 2.25 7.85 -9.36
CA THR B 171 1.66 7.43 -8.09
C THR B 171 0.16 7.70 -8.09
N PRO B 172 -0.70 6.68 -8.06
CA PRO B 172 -2.15 6.94 -8.08
C PRO B 172 -2.66 7.47 -6.75
N VAL B 173 -3.72 8.30 -6.83
CA VAL B 173 -4.34 8.92 -5.65
C VAL B 173 -5.87 8.78 -5.64
N GLY B 174 -6.52 8.93 -6.79
CA GLY B 174 -7.98 8.81 -6.86
C GLY B 174 -8.50 9.01 -8.27
N LEU B 175 -9.69 9.58 -8.41
CA LEU B 175 -10.27 9.89 -9.71
C LEU B 175 -10.34 11.40 -9.91
N ALA B 176 -10.24 11.82 -11.18
CA ALA B 176 -10.33 13.25 -11.48
C ALA B 176 -11.77 13.76 -11.38
N SER B 177 -12.73 12.93 -11.78
CA SER B 177 -14.14 13.31 -11.90
C SER B 177 -14.95 12.03 -12.06
N VAL B 178 -16.24 12.11 -11.75
CA VAL B 178 -17.15 11.01 -12.13
C VAL B 178 -18.39 11.56 -12.85
N ASP B 179 -18.29 12.73 -13.47
CA ASP B 179 -19.45 13.18 -14.24
C ASP B 179 -19.55 12.39 -15.55
N ALA B 180 -20.67 12.57 -16.26
CA ALA B 180 -20.94 11.78 -17.47
C ALA B 180 -19.77 11.77 -18.44
N ASN B 181 -19.14 12.93 -18.66
CA ASN B 181 -18.08 13.04 -19.66
C ASN B 181 -16.77 12.42 -19.19
N SER B 182 -16.69 11.86 -17.98
CA SER B 182 -15.47 11.24 -17.49
C SER B 182 -15.47 9.71 -17.58
N HIS B 183 -16.58 9.10 -18.02
CA HIS B 183 -16.65 7.67 -18.33
C HIS B 183 -16.07 6.78 -17.23
N PHE B 184 -16.52 6.99 -16.00
CA PHE B 184 -16.14 6.10 -14.90
C PHE B 184 -17.07 4.89 -14.92
N ASP B 185 -16.51 3.70 -15.05
CA ASP B 185 -17.29 2.46 -14.93
C ASP B 185 -16.33 1.37 -14.48
N GLN B 186 -16.50 0.91 -13.23
CA GLN B 186 -15.50 0.02 -12.65
C GLN B 186 -15.49 -1.37 -13.28
N TRP B 187 -16.51 -1.75 -14.04
CA TRP B 187 -16.59 -3.06 -14.68
C TRP B 187 -16.33 -3.01 -16.18
N THR B 188 -16.07 -1.84 -16.75
CA THR B 188 -15.71 -1.74 -18.16
C THR B 188 -14.19 -1.78 -18.29
N LEU B 189 -13.67 -2.81 -18.97
CA LEU B 189 -12.22 -2.95 -19.10
C LEU B 189 -11.68 -1.92 -20.09
N PRO B 190 -10.43 -1.47 -19.91
CA PRO B 190 -9.77 -0.70 -20.97
C PRO B 190 -9.50 -1.59 -22.18
N SER B 191 -9.26 -0.94 -23.33
CA SER B 191 -8.75 -1.63 -24.50
C SER B 191 -7.23 -1.50 -24.46
N TYR B 192 -6.56 -2.53 -23.91
CA TYR B 192 -5.15 -2.41 -23.56
C TYR B 192 -4.26 -2.19 -24.79
N SER B 193 -4.72 -2.54 -25.99
CA SER B 193 -3.96 -2.31 -27.21
C SER B 193 -4.62 -1.31 -28.15
N GLY B 194 -5.70 -0.67 -27.76
CA GLY B 194 -6.38 0.25 -28.66
C GLY B 194 -7.76 -0.27 -29.06
N ALA B 195 -8.52 0.63 -29.68
CA ALA B 195 -9.97 0.41 -29.83
C ALA B 195 -10.32 -0.76 -30.75
N LEU B 196 -9.57 -0.97 -31.82
CA LEU B 196 -9.91 -2.03 -32.77
C LEU B 196 -9.27 -3.37 -32.48
N THR B 197 -8.54 -3.49 -31.37
CA THR B 197 -7.83 -4.71 -31.01
C THR B 197 -8.49 -5.40 -29.82
N LEU B 198 -8.51 -6.73 -29.84
CA LEU B 198 -9.11 -7.54 -28.78
C LEU B 198 -8.14 -7.68 -27.59
N ASN B 199 -8.67 -7.56 -26.38
CA ASN B 199 -7.85 -7.86 -25.21
C ASN B 199 -7.52 -9.35 -25.19
N MET B 200 -6.39 -9.70 -24.56
CA MET B 200 -5.94 -11.09 -24.53
C MET B 200 -5.47 -11.50 -23.14
N ASN B 201 -5.40 -12.82 -22.92
CA ASN B 201 -4.90 -13.43 -21.68
C ASN B 201 -5.65 -12.98 -20.42
N LEU B 202 -6.97 -12.75 -20.54
CA LEU B 202 -7.72 -12.19 -19.42
C LEU B 202 -8.05 -13.23 -18.36
N ALA B 203 -8.08 -12.78 -17.11
CA ALA B 203 -8.69 -13.60 -16.08
C ALA B 203 -10.18 -13.74 -16.40
N PRO B 204 -10.79 -14.90 -16.13
CA PRO B 204 -12.16 -15.13 -16.59
C PRO B 204 -13.19 -14.35 -15.77
N SER B 205 -14.38 -14.20 -16.35
CA SER B 205 -15.48 -13.57 -15.63
C SER B 205 -15.93 -14.44 -14.47
N VAL B 206 -16.56 -13.81 -13.47
CA VAL B 206 -17.04 -14.47 -12.27
C VAL B 206 -18.53 -14.18 -12.05
N ALA B 207 -19.25 -15.18 -11.51
CA ALA B 207 -20.68 -15.02 -11.26
C ALA B 207 -21.23 -16.14 -10.37
N PRO B 208 -22.31 -15.91 -9.64
CA PRO B 208 -22.96 -17.01 -8.92
C PRO B 208 -23.55 -18.00 -9.93
N VAL B 209 -23.54 -19.28 -9.54
CA VAL B 209 -24.11 -20.32 -10.39
C VAL B 209 -25.10 -21.14 -9.58
N PHE B 210 -25.94 -20.46 -8.80
CA PHE B 210 -26.88 -21.12 -7.89
C PHE B 210 -27.98 -20.12 -7.59
N PRO B 211 -29.24 -20.52 -7.60
CA PRO B 211 -30.33 -19.56 -7.35
C PRO B 211 -30.28 -19.00 -5.93
N GLY B 212 -30.54 -17.70 -5.82
CA GLY B 212 -30.56 -17.02 -4.54
C GLY B 212 -29.24 -16.44 -4.10
N GLU B 213 -28.18 -16.69 -4.86
CA GLU B 213 -26.84 -16.22 -4.51
C GLU B 213 -26.45 -14.99 -5.32
N CYS B 214 -25.56 -14.20 -4.74
CA CYS B 214 -24.99 -13.01 -5.36
C CYS B 214 -23.53 -12.91 -4.94
N LEU B 215 -22.74 -12.17 -5.70
CA LEU B 215 -21.35 -11.92 -5.35
C LEU B 215 -21.23 -11.08 -4.07
N LEU B 216 -20.16 -11.32 -3.30
CA LEU B 216 -19.81 -10.49 -2.15
C LEU B 216 -18.48 -9.78 -2.43
N PHE B 217 -18.47 -8.47 -2.25
CA PHE B 217 -17.33 -7.62 -2.58
C PHE B 217 -16.72 -7.02 -1.33
N PHE B 218 -15.42 -6.68 -1.44
CA PHE B 218 -14.75 -5.84 -0.46
C PHE B 218 -14.67 -4.44 -1.06
N ARG B 219 -15.36 -3.48 -0.43
CA ARG B 219 -15.59 -2.16 -1.01
C ARG B 219 -14.74 -1.09 -0.34
N SER B 220 -14.17 -0.18 -1.15
CA SER B 220 -13.40 0.97 -0.71
C SER B 220 -13.89 2.23 -1.43
N PHE B 221 -13.95 3.35 -0.71
CA PHE B 221 -14.32 4.60 -1.36
C PHE B 221 -13.08 5.35 -1.83
N ILE B 222 -13.13 5.87 -3.06
CA ILE B 222 -11.96 6.38 -3.76
C ILE B 222 -12.03 7.90 -3.81
N PRO B 223 -10.92 8.63 -3.52
CA PRO B 223 -10.97 10.11 -3.51
C PRO B 223 -11.26 10.73 -4.86
N LEU B 224 -11.76 11.98 -4.83
CA LEU B 224 -12.08 12.78 -6.02
C LEU B 224 -11.36 14.11 -6.02
N LYS B 225 -10.78 14.47 -7.16
CA LYS B 225 -10.13 15.78 -7.30
C LYS B 225 -11.14 16.93 -7.28
N GLY B 226 -12.34 16.71 -7.81
CA GLY B 226 -13.37 17.75 -7.79
C GLY B 226 -14.71 17.17 -8.22
N GLY B 227 -15.73 18.01 -8.16
CA GLY B 227 -17.07 17.61 -8.56
C GLY B 227 -17.86 16.90 -7.46
N TYR B 228 -19.06 16.48 -7.82
CA TYR B 228 -19.97 15.78 -6.92
C TYR B 228 -19.87 14.27 -7.11
N GLY B 229 -20.08 13.52 -6.02
CA GLY B 229 -20.07 12.06 -6.08
C GLY B 229 -19.47 11.33 -4.90
N ASN B 230 -19.71 10.02 -4.82
CA ASN B 230 -19.15 9.17 -3.76
C ASN B 230 -18.68 7.85 -4.36
N PRO B 231 -17.72 7.89 -5.30
CA PRO B 231 -17.36 6.67 -6.03
C PRO B 231 -16.69 5.61 -5.15
N ALA B 232 -16.88 4.35 -5.55
CA ALA B 232 -16.34 3.19 -4.85
C ALA B 232 -15.71 2.21 -5.83
N ILE B 233 -14.76 1.41 -5.31
CA ILE B 233 -14.08 0.34 -6.04
C ILE B 233 -14.31 -0.97 -5.27
N ASP B 234 -14.91 -1.96 -5.92
CA ASP B 234 -15.18 -3.27 -5.30
C ASP B 234 -14.16 -4.29 -5.79
N CYS B 235 -13.52 -5.03 -4.87
CA CYS B 235 -12.63 -6.11 -5.28
C CYS B 235 -13.14 -7.48 -4.81
N LEU B 236 -12.71 -8.52 -5.52
CA LEU B 236 -13.17 -9.88 -5.22
C LEU B 236 -12.50 -10.45 -3.98
N MET B 237 -11.24 -10.11 -3.75
CA MET B 237 -10.49 -10.54 -2.57
C MET B 237 -9.50 -9.42 -2.25
N PRO B 238 -9.21 -9.19 -0.97
CA PRO B 238 -8.24 -8.14 -0.61
C PRO B 238 -6.84 -8.54 -1.01
N GLN B 239 -5.97 -7.54 -1.14
CA GLN B 239 -4.58 -7.78 -1.55
C GLN B 239 -3.88 -8.75 -0.60
N GLU B 240 -4.17 -8.67 0.71
CA GLU B 240 -3.53 -9.57 1.67
C GLU B 240 -3.93 -11.03 1.45
N TRP B 241 -5.11 -11.28 0.88
CA TRP B 241 -5.50 -12.64 0.52
C TRP B 241 -4.74 -13.13 -0.70
N VAL B 242 -4.55 -12.25 -1.70
CA VAL B 242 -3.70 -12.60 -2.83
C VAL B 242 -2.31 -13.00 -2.35
N GLN B 243 -1.74 -12.21 -1.45
CA GLN B 243 -0.37 -12.49 -0.98
C GLN B 243 -0.31 -13.80 -0.21
N HIS B 244 -1.34 -14.08 0.59
CA HIS B 244 -1.38 -15.31 1.38
C HIS B 244 -1.51 -16.54 0.48
N LEU B 245 -2.47 -16.54 -0.45
CA LEU B 245 -2.69 -17.70 -1.31
C LEU B 245 -1.45 -18.01 -2.14
N TYR B 246 -0.77 -16.97 -2.62
CA TYR B 246 0.47 -17.17 -3.38
C TYR B 246 1.53 -17.88 -2.55
N GLN B 247 1.71 -17.45 -1.28
CA GLN B 247 2.69 -18.09 -0.42
C GLN B 247 2.33 -19.55 -0.13
N GLU B 248 1.06 -19.81 0.18
CA GLU B 248 0.67 -21.13 0.69
C GLU B 248 0.66 -22.17 -0.42
N SER B 249 0.09 -21.84 -1.57
CA SER B 249 -0.01 -22.78 -2.69
C SER B 249 -0.65 -24.10 -2.25
N ALA B 250 -1.70 -23.99 -1.44
CA ALA B 250 -2.39 -25.17 -0.93
C ALA B 250 -3.27 -25.77 -2.01
N PRO B 251 -3.21 -27.08 -2.24
CA PRO B 251 -4.07 -27.69 -3.26
C PRO B 251 -5.55 -27.53 -2.94
N SER B 252 -6.32 -27.23 -3.98
CA SER B 252 -7.78 -27.13 -3.87
C SER B 252 -8.39 -28.52 -3.97
N LEU B 253 -9.12 -28.94 -2.93
CA LEU B 253 -9.68 -30.29 -2.88
C LEU B 253 -11.08 -30.40 -3.50
N SER B 254 -11.75 -29.27 -3.76
CA SER B 254 -12.95 -29.27 -4.59
C SER B 254 -13.03 -27.92 -5.28
N ASP B 255 -14.13 -27.67 -5.97
CA ASP B 255 -14.26 -26.40 -6.67
C ASP B 255 -14.80 -25.29 -5.79
N VAL B 256 -15.31 -25.60 -4.59
CA VAL B 256 -15.93 -24.61 -3.72
C VAL B 256 -15.54 -24.90 -2.27
N ALA B 257 -15.06 -23.87 -1.57
CA ALA B 257 -14.79 -23.97 -0.15
C ALA B 257 -15.85 -23.22 0.65
N LEU B 258 -16.33 -23.84 1.73
CA LEU B 258 -17.25 -23.18 2.66
C LEU B 258 -16.45 -22.40 3.69
N VAL B 259 -16.75 -21.11 3.83
CA VAL B 259 -16.07 -20.27 4.83
C VAL B 259 -17.12 -19.61 5.71
N ARG B 260 -16.73 -19.30 6.95
CA ARG B 260 -17.63 -18.69 7.93
C ARG B 260 -17.07 -17.36 8.40
N TYR B 261 -17.94 -16.34 8.48
CA TYR B 261 -17.58 -15.04 9.00
C TYR B 261 -17.89 -15.03 10.49
N VAL B 262 -16.85 -15.04 11.31
CA VAL B 262 -17.00 -15.29 12.74
C VAL B 262 -16.71 -14.03 13.54
N ASN B 263 -17.38 -13.93 14.70
CA ASN B 263 -17.17 -12.95 15.74
C ASN B 263 -16.26 -13.61 16.78
N PRO B 264 -14.96 -13.31 16.82
CA PRO B 264 -14.07 -14.03 17.74
C PRO B 264 -14.42 -13.84 19.21
N GLU B 265 -14.98 -12.69 19.57
CA GLU B 265 -15.36 -12.45 20.96
C GLU B 265 -16.44 -13.44 21.40
N THR B 266 -17.57 -13.45 20.69
CA THR B 266 -18.66 -14.37 21.04
C THR B 266 -18.45 -15.78 20.50
N GLY B 267 -17.58 -15.94 19.50
CA GLY B 267 -17.34 -17.24 18.89
C GLY B 267 -18.42 -17.68 17.93
N ARG B 268 -19.39 -16.83 17.61
CA ARG B 268 -20.51 -17.22 16.77
C ARG B 268 -20.25 -16.86 15.32
N THR B 269 -20.86 -17.63 14.43
CA THR B 269 -20.81 -17.36 13.00
C THR B 269 -21.86 -16.31 12.64
N LEU B 270 -21.44 -15.23 12.00
CA LEU B 270 -22.39 -14.20 11.60
C LEU B 270 -23.07 -14.55 10.28
N PHE B 271 -22.35 -15.19 9.37
CA PHE B 271 -22.92 -15.74 8.14
C PHE B 271 -21.87 -16.63 7.48
N GLU B 272 -22.31 -17.41 6.49
CA GLU B 272 -21.40 -18.26 5.74
C GLU B 272 -21.43 -17.89 4.26
N ALA B 273 -20.41 -18.34 3.54
CA ALA B 273 -20.24 -17.99 2.14
C ALA B 273 -19.46 -19.08 1.42
N LYS B 274 -19.59 -19.11 0.09
CA LYS B 274 -18.81 -20.00 -0.78
C LYS B 274 -17.59 -19.25 -1.31
N LEU B 275 -16.41 -19.85 -1.17
CA LEU B 275 -15.18 -19.31 -1.74
C LEU B 275 -14.79 -20.17 -2.94
N HIS B 276 -14.97 -19.63 -4.14
CA HIS B 276 -14.83 -20.41 -5.36
C HIS B 276 -13.37 -20.54 -5.79
N ARG B 277 -13.07 -21.65 -6.47
CA ARG B 277 -11.70 -22.00 -6.83
C ARG B 277 -10.99 -20.90 -7.61
N ASN B 278 -11.72 -20.21 -8.50
CA ASN B 278 -11.10 -19.13 -9.26
CA ASN B 278 -11.10 -19.12 -9.27
C ASN B 278 -10.86 -17.86 -8.44
N GLY B 279 -11.35 -17.81 -7.19
CA GLY B 279 -10.99 -16.73 -6.31
C GLY B 279 -12.03 -15.63 -6.13
N PHE B 280 -13.24 -15.98 -5.70
CA PHE B 280 -14.27 -15.00 -5.41
C PHE B 280 -15.29 -15.62 -4.47
N LEU B 281 -16.10 -14.76 -3.84
CA LEU B 281 -17.09 -15.16 -2.84
C LEU B 281 -18.52 -14.94 -3.33
N THR B 282 -19.44 -15.84 -2.93
CA THR B 282 -20.88 -15.62 -3.09
C THR B 282 -21.59 -15.89 -1.77
N VAL B 283 -22.72 -15.19 -1.55
CA VAL B 283 -23.55 -15.38 -0.37
C VAL B 283 -25.01 -15.49 -0.80
N ALA B 284 -25.83 -16.02 0.10
CA ALA B 284 -27.27 -16.14 -0.13
C ALA B 284 -27.93 -14.91 0.47
N ARG B 285 -28.00 -13.85 -0.33
CA ARG B 285 -28.57 -12.56 0.07
C ARG B 285 -29.37 -12.01 -1.09
N ASN B 286 -30.51 -11.39 -0.78
CA ASN B 286 -31.39 -10.87 -1.82
C ASN B 286 -31.55 -9.36 -1.72
N SER B 287 -30.54 -8.67 -1.20
CA SER B 287 -30.60 -7.23 -1.06
C SER B 287 -29.27 -6.63 -1.46
N ALA B 288 -29.28 -5.34 -1.74
CA ALA B 288 -28.07 -4.60 -2.08
C ALA B 288 -27.65 -3.70 -0.93
N GLY B 289 -26.35 -3.44 -0.85
CA GLY B 289 -25.84 -2.52 0.14
C GLY B 289 -24.81 -3.13 1.05
N PRO B 290 -24.36 -2.35 2.04
CA PRO B 290 -23.32 -2.84 2.95
C PRO B 290 -23.81 -3.97 3.81
N VAL B 291 -22.86 -4.79 4.27
CA VAL B 291 -23.11 -5.81 5.27
C VAL B 291 -22.72 -5.22 6.63
N VAL B 292 -23.68 -5.12 7.55
CA VAL B 292 -23.42 -4.56 8.87
C VAL B 292 -22.91 -5.68 9.76
N ALA B 293 -21.64 -5.58 10.17
CA ALA B 293 -21.02 -6.63 10.98
C ALA B 293 -20.11 -6.00 12.01
N PRO B 294 -19.86 -6.68 13.13
CA PRO B 294 -18.93 -6.14 14.13
C PRO B 294 -17.52 -5.96 13.56
N THR B 295 -16.81 -4.99 14.13
CA THR B 295 -15.48 -4.64 13.64
C THR B 295 -14.45 -5.76 13.79
N ASN B 296 -14.68 -6.70 14.71
CA ASN B 296 -13.70 -7.74 14.99
C ASN B 296 -13.82 -8.98 14.08
N GLY B 297 -14.74 -8.97 13.12
CA GLY B 297 -15.04 -10.19 12.36
C GLY B 297 -14.06 -10.53 11.25
N TYR B 298 -13.97 -11.82 10.93
CA TYR B 298 -13.13 -12.29 9.83
C TYR B 298 -13.60 -13.65 9.33
N PHE B 299 -13.16 -13.98 8.11
CA PHE B 299 -13.48 -15.25 7.47
C PHE B 299 -12.53 -16.35 7.93
N ARG B 300 -13.08 -17.53 8.17
CA ARG B 300 -12.31 -18.73 8.51
C ARG B 300 -12.74 -19.86 7.60
N PHE B 301 -11.77 -20.64 7.12
CA PHE B 301 -12.08 -21.82 6.30
C PHE B 301 -12.75 -22.89 7.15
N ASP B 302 -13.80 -23.51 6.62
CA ASP B 302 -14.52 -24.56 7.33
C ASP B 302 -14.31 -25.93 6.70
N SER B 303 -14.64 -26.10 5.43
CA SER B 303 -14.55 -27.39 4.75
C SER B 303 -14.71 -27.17 3.25
N TRP B 304 -14.32 -28.18 2.48
CA TRP B 304 -14.59 -28.21 1.04
C TRP B 304 -15.97 -28.80 0.79
N VAL B 305 -16.75 -28.13 -0.06
CA VAL B 305 -18.09 -28.58 -0.42
C VAL B 305 -18.19 -28.67 -1.93
N ASN B 306 -19.40 -28.63 -2.48
CA ASN B 306 -19.58 -28.65 -3.93
C ASN B 306 -20.59 -27.59 -4.35
N GLN B 307 -20.82 -27.49 -5.66
CA GLN B 307 -21.70 -26.46 -6.21
C GLN B 307 -23.18 -26.69 -5.91
N PHE B 308 -23.56 -27.80 -5.26
CA PHE B 308 -24.94 -28.01 -4.86
C PHE B 308 -25.18 -27.71 -3.39
N TYR B 309 -24.17 -27.20 -2.68
CA TYR B 309 -24.33 -26.84 -1.28
C TYR B 309 -25.26 -25.65 -1.14
N THR B 310 -26.23 -25.75 -0.21
CA THR B 310 -27.15 -24.66 0.06
C THR B 310 -26.64 -23.82 1.23
N LEU B 311 -26.31 -22.56 0.94
CA LEU B 311 -25.83 -21.65 1.99
C LEU B 311 -26.98 -21.18 2.87
N ALA B 312 -26.69 -20.98 4.14
CA ALA B 312 -27.71 -20.42 5.04
C ALA B 312 -27.91 -18.95 4.68
N PRO B 313 -29.14 -18.52 4.44
CA PRO B 313 -29.36 -17.11 4.08
C PRO B 313 -28.87 -16.17 5.18
N MET B 314 -28.14 -15.15 4.77
CA MET B 314 -27.67 -14.15 5.73
C MET B 314 -28.79 -13.15 6.01
C04 KBA C . -15.26 22.78 -9.41
C05 KBA C . -16.24 23.90 -9.78
C06 KBA C . -17.31 25.08 -7.80
C07 KBA C . -18.47 24.97 -7.15
C1 KBA C . -14.69 21.57 -7.43
C2 KBA C . -13.99 21.78 -6.09
C3 KBA C . -14.92 22.59 -5.19
C4 KBA C . -16.30 21.93 -5.05
C5 KBA C . -16.87 21.52 -6.42
C6 KBA C . -18.09 20.60 -6.29
N01 KBA C . -17.33 24.15 -8.80
N02 KBA C . -19.20 23.97 -7.76
N03 KBA C . -18.49 23.46 -8.79
O1 KBA C . -14.92 22.83 -8.03
O2 KBA C . -12.76 22.46 -6.32
O3 KBA C . -14.35 22.81 -3.90
O4 KBA C . -16.21 20.78 -4.21
O5 KBA C . -15.90 20.85 -7.23
C1 EDO D . 3.80 24.33 -0.09
O1 EDO D . 4.54 24.40 1.14
C2 EDO D . 3.30 25.71 -0.50
O2 EDO D . 4.38 26.64 -0.56
C1 EDO E . 6.35 -7.55 -12.06
O1 EDO E . 5.32 -6.60 -11.77
C2 EDO E . 7.73 -6.92 -11.78
O2 EDO E . 7.99 -5.90 -12.75
C1 EDO F . -5.60 18.01 -16.72
O1 EDO F . -6.82 17.32 -16.50
C2 EDO F . -5.85 19.18 -17.66
O2 EDO F . -6.90 20.00 -17.14
#